data_3MVH
#
_entry.id   3MVH
#
_cell.length_a   42.354
_cell.length_b   55.261
_cell.length_c   92.314
_cell.angle_alpha   90.000
_cell.angle_beta   102.640
_cell.angle_gamma   90.000
#
_symmetry.space_group_name_H-M   'P 1 21 1'
#
loop_
_entity.id
_entity.type
_entity.pdbx_description
1 polymer 'v-akt murine thymoma viral oncogene homolog 1 (AKT1)'
2 polymer 'GSK3-beta peptide'
3 non-polymer 'MANGANESE (II) ION'
4 non-polymer N-{[(3S)-3-amino-1-(5-ethyl-7H-pyrrolo[2,3-d]pyrimidin-4-yl)pyrrolidin-3-yl]methyl}-2,4-difluorobenzamide
5 water water
#
loop_
_entity_poly.entity_id
_entity_poly.type
_entity_poly.pdbx_seq_one_letter_code
_entity_poly.pdbx_strand_id
1 'polypeptide(L)'
;GAMDPRVTMNEFEYLKLLGKGTFGKVILVKEKATGRYYAMKILKKEVIVAKDEVAHTLTENRVLQNSRHPFLTALKYSFQ
THDRLCFVMEYANGGELFFHLSRERVFSEDRARFYGAEIVSALDYLHSEKNVVYRDLKLENLMLDKDGHIKITDFGLCKE
GIKDGATMK(TPO)FCGTPEYLAPEVLEDNDYGRAVDWWGLGVVMYEMMCGRLPFYNQDHEKLFELILMEEIRFPRTLGP
EAKSLLSGLLKKDPKQRLGGGSEDAKEIMQHRFFAGIVWQHVYEKKLSPPFKPQVTSETDTRYFDEEFTAQMITITPPDQ
DDSMECVDSERRPHFPQFDYSASSTA
;
A
2 'polypeptide(L)' GRPRTTSFAE B
#
# COMPACT_ATOMS: atom_id res chain seq x y z
N VAL A 7 23.77 10.34 11.40
CA VAL A 7 22.88 9.16 11.72
C VAL A 7 23.38 7.79 11.23
N THR A 8 23.49 6.83 12.16
CA THR A 8 24.03 5.48 11.99
C THR A 8 23.17 4.53 12.84
N MET A 9 23.41 3.20 12.79
CA MET A 9 22.72 2.24 13.67
C MET A 9 22.77 2.59 15.18
N ASN A 10 23.80 3.35 15.59
CA ASN A 10 23.99 3.76 17.00
C ASN A 10 23.05 4.90 17.42
N GLU A 11 22.40 5.55 16.45
CA GLU A 11 21.55 6.67 16.81
C GLU A 11 20.20 6.19 17.38
N PHE A 12 20.00 4.86 17.41
CA PHE A 12 18.70 4.24 17.69
C PHE A 12 18.76 3.05 18.66
N GLU A 13 17.69 2.88 19.45
CA GLU A 13 17.47 1.60 20.15
C GLU A 13 16.44 0.74 19.42
N TYR A 14 16.69 -0.56 19.40
CA TYR A 14 15.90 -1.54 18.68
C TYR A 14 15.03 -2.18 19.74
N LEU A 15 13.73 -2.27 19.46
CA LEU A 15 12.74 -2.63 20.48
C LEU A 15 12.00 -3.87 20.06
N LYS A 16 11.16 -3.77 19.03
CA LYS A 16 10.40 -4.95 18.61
C LYS A 16 10.56 -5.14 17.14
N LEU A 17 10.64 -6.42 16.75
CA LEU A 17 10.46 -6.83 15.38
C LEU A 17 8.97 -6.68 14.92
N LEU A 18 8.72 -5.97 13.81
CA LEU A 18 7.35 -5.79 13.28
C LEU A 18 7.04 -6.60 12.03
N GLY A 19 8.08 -6.99 11.32
CA GLY A 19 7.93 -7.72 10.07
C GLY A 19 9.31 -8.18 9.61
N LYS A 20 9.33 -9.18 8.76
CA LYS A 20 10.59 -9.78 8.26
C LYS A 20 10.20 -10.55 7.04
N GLY A 21 10.85 -10.25 5.92
CA GLY A 21 10.40 -10.74 4.62
C GLY A 21 11.53 -10.76 3.61
N THR A 22 12.32 -11.83 3.72
CA THR A 22 13.40 -12.21 2.79
C THR A 22 14.53 -11.18 2.60
N PHE A 23 14.19 -10.00 2.07
CA PHE A 23 15.15 -8.93 1.77
C PHE A 23 15.62 -8.23 3.00
N GLY A 24 14.83 -8.35 4.06
CA GLY A 24 15.25 -7.84 5.34
C GLY A 24 14.16 -7.85 6.38
N LYS A 25 14.15 -6.81 7.21
CA LYS A 25 13.22 -6.73 8.35
C LYS A 25 12.74 -5.31 8.64
N VAL A 26 11.68 -5.22 9.45
N VAL A 26 11.73 -5.20 9.50
CA VAL A 26 11.16 -3.94 10.00
CA VAL A 26 11.22 -3.90 9.96
C VAL A 26 11.22 -4.00 11.53
C VAL A 26 11.07 -3.88 11.49
N ILE A 27 11.79 -2.96 12.15
CA ILE A 27 11.88 -2.92 13.60
C ILE A 27 11.35 -1.57 14.13
N LEU A 28 10.55 -1.64 15.19
CA LEU A 28 10.21 -0.45 15.99
C LEU A 28 11.45 0.09 16.69
N VAL A 29 11.85 1.32 16.38
CA VAL A 29 13.02 1.90 17.01
C VAL A 29 12.71 3.20 17.75
N LYS A 30 13.62 3.59 18.66
CA LYS A 30 13.60 4.89 19.26
C LYS A 30 14.92 5.57 18.92
N GLU A 31 14.79 6.81 18.47
CA GLU A 31 15.90 7.68 18.20
C GLU A 31 16.37 8.21 19.55
N LYS A 32 17.68 8.06 19.81
CA LYS A 32 18.29 8.45 21.13
C LYS A 32 18.21 9.90 21.38
N ALA A 33 18.51 10.68 20.35
CA ALA A 33 18.47 12.12 20.46
C ALA A 33 17.13 12.75 20.75
N THR A 34 16.02 12.05 20.46
CA THR A 34 14.73 12.74 20.47
C THR A 34 13.65 12.04 21.25
N GLY A 35 13.87 10.77 21.54
CA GLY A 35 12.84 9.96 22.20
C GLY A 35 11.68 9.55 21.28
N ARG A 36 11.80 9.81 19.98
CA ARG A 36 10.76 9.56 19.01
C ARG A 36 10.85 8.17 18.51
N TYR A 37 9.69 7.55 18.23
CA TYR A 37 9.59 6.19 17.72
C TYR A 37 9.36 6.21 16.22
N TYR A 38 9.98 5.23 15.54
CA TYR A 38 9.95 5.12 14.07
C TYR A 38 9.88 3.68 13.70
N ALA A 39 9.55 3.41 12.43
CA ALA A 39 9.77 2.08 11.94
C ALA A 39 11.02 2.12 11.07
N MET A 40 11.92 1.17 11.35
CA MET A 40 13.15 0.99 10.57
C MET A 40 13.10 -0.23 9.70
N LYS A 41 13.11 0.00 8.39
CA LYS A 41 13.31 -1.04 7.39
C LYS A 41 14.84 -1.16 7.17
N ILE A 42 15.35 -2.37 7.40
CA ILE A 42 16.80 -2.65 7.43
C ILE A 42 16.99 -3.74 6.38
N LEU A 43 17.64 -3.41 5.27
CA LEU A 43 17.91 -4.43 4.25
C LEU A 43 19.41 -4.80 4.25
N LYS A 44 19.73 -6.09 4.07
CA LYS A 44 21.14 -6.47 3.86
C LYS A 44 21.54 -6.14 2.40
N LYS A 45 22.58 -5.31 2.22
CA LYS A 45 23.14 -5.00 0.91
C LYS A 45 23.40 -6.27 0.07
N GLU A 46 24.01 -7.28 0.70
CA GLU A 46 24.38 -8.55 0.06
C GLU A 46 23.16 -9.15 -0.59
N VAL A 47 22.13 -9.36 0.24
CA VAL A 47 20.84 -9.89 -0.20
C VAL A 47 20.16 -9.06 -1.30
N ILE A 48 20.04 -7.73 -1.11
CA ILE A 48 19.46 -6.82 -2.11
C ILE A 48 20.14 -6.94 -3.46
N VAL A 49 21.49 -7.03 -3.43
CA VAL A 49 22.31 -7.15 -4.66
C VAL A 49 22.07 -8.51 -5.32
N ALA A 50 22.16 -9.57 -4.53
CA ALA A 50 22.00 -10.95 -4.98
C ALA A 50 20.59 -11.25 -5.56
N LYS A 51 19.53 -10.68 -4.95
CA LYS A 51 18.13 -10.86 -5.38
C LYS A 51 17.72 -9.84 -6.39
N ASP A 52 18.66 -9.05 -6.88
CA ASP A 52 18.38 -8.05 -7.90
C ASP A 52 17.48 -6.87 -7.45
N GLU A 53 17.41 -6.62 -6.16
CA GLU A 53 16.45 -5.62 -5.61
C GLU A 53 17.00 -4.18 -5.55
N VAL A 54 18.08 -3.93 -6.31
CA VAL A 54 18.78 -2.63 -6.21
C VAL A 54 17.92 -1.48 -6.77
N ALA A 55 17.49 -1.59 -8.01
CA ALA A 55 16.72 -0.49 -8.60
C ALA A 55 15.38 -0.23 -7.81
N HIS A 56 14.87 -1.24 -7.10
CA HIS A 56 13.55 -1.14 -6.41
C HIS A 56 13.83 -0.36 -5.15
N THR A 57 14.98 -0.65 -4.52
CA THR A 57 15.43 0.16 -3.37
C THR A 57 15.64 1.68 -3.65
N LEU A 58 16.26 2.00 -4.80
CA LEU A 58 16.45 3.40 -5.17
C LEU A 58 15.13 4.11 -5.49
N THR A 59 14.26 3.39 -6.21
CA THR A 59 12.94 3.86 -6.49
C THR A 59 12.18 4.18 -5.20
N GLU A 60 12.18 3.29 -4.24
CA GLU A 60 11.48 3.57 -2.99
C GLU A 60 12.13 4.81 -2.29
N ASN A 61 13.47 4.82 -2.26
CA ASN A 61 14.18 5.97 -1.69
C ASN A 61 13.77 7.32 -2.36
N ARG A 62 13.76 7.40 -3.69
CA ARG A 62 13.27 8.65 -4.41
C ARG A 62 11.84 8.98 -4.18
N VAL A 63 10.97 7.95 -4.27
CA VAL A 63 9.56 8.23 -4.07
C VAL A 63 9.32 8.77 -2.67
N LEU A 64 9.87 8.08 -1.67
CA LEU A 64 9.70 8.57 -0.28
C LEU A 64 10.27 10.01 -0.05
N GLN A 65 11.44 10.30 -0.62
CA GLN A 65 12.06 11.60 -0.42
C GLN A 65 11.22 12.71 -1.06
N ASN A 66 10.63 12.42 -2.25
CA ASN A 66 9.97 13.40 -3.12
C ASN A 66 8.48 13.65 -2.67
N SER A 67 7.92 12.79 -1.81
CA SER A 67 6.49 12.80 -1.57
C SER A 67 6.12 13.28 -0.14
N ARG A 68 5.07 14.11 -0.05
CA ARG A 68 4.64 14.53 1.26
C ARG A 68 3.12 14.56 1.22
N HIS A 69 2.49 13.65 1.94
CA HIS A 69 1.04 13.49 1.85
C HIS A 69 0.56 12.87 3.19
N PRO A 70 -0.58 13.32 3.66
CA PRO A 70 -1.05 12.75 4.93
C PRO A 70 -1.21 11.22 4.96
N PHE A 71 -1.39 10.56 3.81
CA PHE A 71 -1.70 9.09 3.87
C PHE A 71 -0.63 8.30 3.23
N LEU A 72 0.50 8.95 3.02
CA LEU A 72 1.73 8.24 2.61
C LEU A 72 2.71 8.27 3.78
N THR A 73 3.31 7.11 4.06
CA THR A 73 4.38 7.04 5.09
C THR A 73 5.48 8.02 4.78
N ALA A 74 5.82 8.84 5.79
CA ALA A 74 6.87 9.84 5.71
C ALA A 74 8.21 9.25 6.09
N LEU A 75 9.22 9.61 5.33
CA LEU A 75 10.58 9.16 5.58
C LEU A 75 11.39 10.28 6.35
N LYS A 76 11.94 9.90 7.48
CA LYS A 76 12.81 10.79 8.25
C LYS A 76 14.31 10.73 7.81
N TYR A 77 14.87 9.52 7.75
CA TYR A 77 16.23 9.26 7.35
C TYR A 77 16.33 8.07 6.43
N SER A 78 17.23 8.17 5.48
CA SER A 78 17.84 6.99 4.91
C SER A 78 19.32 7.07 5.18
N PHE A 79 19.91 5.94 5.51
CA PHE A 79 21.32 5.87 5.70
C PHE A 79 21.84 4.48 5.39
N GLN A 80 23.11 4.37 5.04
CA GLN A 80 23.71 3.03 4.86
C GLN A 80 24.89 2.74 5.81
N THR A 81 25.16 1.45 6.00
CA THR A 81 26.41 1.04 6.61
C THR A 81 27.24 0.22 5.58
N HIS A 82 28.30 -0.43 6.03
CA HIS A 82 29.04 -1.39 5.17
C HIS A 82 28.13 -2.50 4.63
N ASP A 83 27.29 -3.07 5.50
CA ASP A 83 26.41 -4.18 5.11
C ASP A 83 24.89 -3.92 5.02
N ARG A 84 24.45 -2.69 5.33
CA ARG A 84 23.00 -2.41 5.50
C ARG A 84 22.52 -1.15 4.77
N LEU A 85 21.25 -1.19 4.33
CA LEU A 85 20.53 0.05 3.96
C LEU A 85 19.36 0.12 4.86
N CYS A 86 19.11 1.31 5.37
CA CYS A 86 18.12 1.57 6.40
C CYS A 86 17.29 2.76 6.03
N PHE A 87 15.95 2.60 6.15
CA PHE A 87 14.95 3.68 5.99
C PHE A 87 14.31 3.81 7.34
N VAL A 88 14.34 5.04 7.88
CA VAL A 88 13.65 5.31 9.15
C VAL A 88 12.37 6.06 8.83
N MET A 89 11.23 5.44 9.09
CA MET A 89 9.96 5.96 8.62
C MET A 89 9.00 6.16 9.73
N GLU A 90 7.99 7.01 9.49
CA GLU A 90 6.93 7.14 10.48
C GLU A 90 6.38 5.77 10.82
N TYR A 91 6.18 5.52 12.11
CA TYR A 91 5.64 4.27 12.61
C TYR A 91 4.14 4.41 12.60
N ALA A 92 3.48 3.45 11.93
CA ALA A 92 2.03 3.26 11.93
C ALA A 92 1.69 2.26 13.05
N ASN A 93 1.29 2.75 14.25
N ASN A 93 1.32 2.81 14.23
CA ASN A 93 1.02 1.88 15.41
CA ASN A 93 0.97 2.06 15.46
C ASN A 93 -0.24 1.03 15.28
C ASN A 93 -0.21 1.10 15.30
N GLY A 94 -1.10 1.36 14.31
CA GLY A 94 -2.33 0.62 14.13
C GLY A 94 -2.21 -0.66 13.29
N GLY A 95 -1.03 -0.98 12.78
CA GLY A 95 -0.88 -2.22 12.04
C GLY A 95 -1.51 -2.20 10.62
N GLU A 96 -1.47 -3.33 9.96
CA GLU A 96 -1.86 -3.48 8.53
C GLU A 96 -3.30 -3.66 8.51
N LEU A 97 -3.97 -3.13 7.47
CA LEU A 97 -5.36 -3.53 7.22
C LEU A 97 -5.57 -5.03 7.10
N PHE A 98 -4.56 -5.72 6.60
CA PHE A 98 -4.62 -7.18 6.49
C PHE A 98 -4.86 -7.81 7.89
N PHE A 99 -4.19 -7.25 8.88
CA PHE A 99 -4.37 -7.70 10.30
C PHE A 99 -5.78 -7.54 10.76
N HIS A 100 -6.34 -6.34 10.60
CA HIS A 100 -7.75 -6.02 10.98
C HIS A 100 -8.81 -6.80 10.26
N LEU A 101 -8.72 -6.85 8.93
N LEU A 101 -8.68 -6.84 8.93
CA LEU A 101 -9.70 -7.57 8.18
CA LEU A 101 -9.57 -7.58 8.11
C LEU A 101 -9.59 -9.09 8.38
C LEU A 101 -9.57 -9.06 8.38
N SER A 102 -8.39 -9.63 8.63
CA SER A 102 -8.28 -11.06 8.97
C SER A 102 -9.14 -11.34 10.21
N ARG A 103 -9.14 -10.44 11.20
CA ARG A 103 -9.90 -10.65 12.42
C ARG A 103 -11.39 -10.38 12.27
N GLU A 104 -11.77 -9.26 11.61
CA GLU A 104 -13.15 -8.78 11.52
C GLU A 104 -13.95 -9.34 10.35
N ARG A 105 -13.25 -9.93 9.40
CA ARG A 105 -13.82 -10.51 8.19
C ARG A 105 -14.22 -9.50 7.16
N VAL A 106 -15.06 -8.52 7.52
CA VAL A 106 -15.51 -7.48 6.56
C VAL A 106 -15.58 -6.18 7.33
N PHE A 107 -15.51 -5.08 6.58
CA PHE A 107 -15.73 -3.73 7.15
C PHE A 107 -17.07 -3.27 6.71
N SER A 108 -17.70 -2.38 7.51
CA SER A 108 -18.99 -1.85 7.09
C SER A 108 -18.71 -0.97 5.83
N GLU A 109 -19.76 -0.70 5.09
CA GLU A 109 -19.62 0.13 3.89
C GLU A 109 -19.03 1.50 4.28
N ASP A 110 -19.44 2.02 5.45
CA ASP A 110 -18.94 3.36 5.88
C ASP A 110 -17.47 3.34 6.15
N ARG A 111 -17.05 2.32 6.87
CA ARG A 111 -15.66 2.20 7.18
C ARG A 111 -14.75 1.94 5.92
N ALA A 112 -15.23 1.11 5.00
CA ALA A 112 -14.51 0.84 3.69
C ALA A 112 -14.45 2.11 2.86
N ARG A 113 -15.57 2.83 2.89
CA ARG A 113 -15.61 4.19 2.27
C ARG A 113 -14.57 5.17 2.80
N PHE A 114 -14.46 5.29 4.12
CA PHE A 114 -13.43 6.15 4.74
C PHE A 114 -12.03 5.77 4.28
N TYR A 115 -11.65 4.47 4.38
CA TYR A 115 -10.32 4.07 3.90
C TYR A 115 -10.13 4.25 2.40
N GLY A 116 -11.09 3.79 1.62
CA GLY A 116 -11.14 4.09 0.13
C GLY A 116 -10.89 5.56 -0.19
N ALA A 117 -11.65 6.47 0.44
CA ALA A 117 -11.37 7.93 0.20
C ALA A 117 -9.91 8.33 0.50
N GLU A 118 -9.34 7.89 1.63
CA GLU A 118 -7.94 8.26 1.97
C GLU A 118 -6.98 7.66 0.95
N ILE A 119 -7.28 6.43 0.56
CA ILE A 119 -6.41 5.78 -0.44
C ILE A 119 -6.48 6.58 -1.80
N VAL A 120 -7.68 6.91 -2.22
CA VAL A 120 -7.89 7.69 -3.45
C VAL A 120 -7.11 9.03 -3.34
N SER A 121 -7.24 9.71 -2.20
CA SER A 121 -6.53 11.01 -2.00
C SER A 121 -5.01 10.85 -2.19
N ALA A 122 -4.42 9.78 -1.60
CA ALA A 122 -3.01 9.51 -1.78
C ALA A 122 -2.64 9.14 -3.21
N LEU A 123 -3.47 8.29 -3.82
CA LEU A 123 -3.09 7.87 -5.20
C LEU A 123 -3.25 9.04 -6.21
N ASP A 124 -4.29 9.82 -6.02
CA ASP A 124 -4.45 11.05 -6.87
C ASP A 124 -3.21 11.97 -6.76
N TYR A 125 -2.72 12.19 -5.52
CA TYR A 125 -1.45 12.85 -5.28
C TYR A 125 -0.27 12.22 -5.98
N LEU A 126 -0.05 10.92 -5.77
CA LEU A 126 1.03 10.27 -6.51
C LEU A 126 0.96 10.48 -8.04
N HIS A 127 -0.19 10.26 -8.61
CA HIS A 127 -0.36 10.29 -10.07
C HIS A 127 -0.22 11.73 -10.55
N SER A 128 -0.96 12.63 -9.90
CA SER A 128 -1.13 13.98 -10.46
C SER A 128 0.00 14.98 -10.08
N GLU A 129 0.57 14.84 -8.88
CA GLU A 129 1.62 15.76 -8.42
C GLU A 129 2.95 15.20 -8.61
N LYS A 130 3.07 13.86 -8.49
CA LYS A 130 4.36 13.25 -8.52
C LYS A 130 4.68 12.44 -9.78
N ASN A 131 3.69 12.15 -10.63
CA ASN A 131 3.90 11.32 -11.86
C ASN A 131 4.40 9.92 -11.49
N VAL A 132 3.74 9.34 -10.48
CA VAL A 132 4.24 8.02 -9.94
C VAL A 132 3.00 7.12 -10.00
N VAL A 133 3.17 5.85 -10.40
CA VAL A 133 2.10 4.84 -10.31
C VAL A 133 2.61 3.83 -9.27
N TYR A 134 1.72 3.46 -8.36
CA TYR A 134 2.15 2.83 -7.13
C TYR A 134 2.37 1.31 -7.42
N ARG A 135 1.40 0.69 -8.14
CA ARG A 135 1.46 -0.70 -8.72
C ARG A 135 1.28 -1.90 -7.76
N ASP A 136 1.38 -1.67 -6.46
CA ASP A 136 1.28 -2.80 -5.48
C ASP A 136 0.29 -2.56 -4.33
N LEU A 137 -0.86 -1.94 -4.65
CA LEU A 137 -1.87 -1.68 -3.59
C LEU A 137 -2.39 -3.08 -3.12
N LYS A 138 -2.53 -3.26 -1.80
CA LYS A 138 -3.00 -4.49 -1.21
C LYS A 138 -3.09 -4.28 0.26
N LEU A 139 -3.84 -5.15 0.95
CA LEU A 139 -4.11 -5.04 2.42
C LEU A 139 -2.85 -4.97 3.26
N GLU A 140 -1.77 -5.66 2.81
CA GLU A 140 -0.52 -5.72 3.52
C GLU A 140 0.23 -4.40 3.43
N ASN A 141 -0.02 -3.59 2.40
CA ASN A 141 0.79 -2.37 2.24
C ASN A 141 -0.04 -1.15 2.67
N LEU A 142 -1.13 -1.38 3.40
CA LEU A 142 -2.06 -0.32 3.86
C LEU A 142 -2.05 -0.43 5.38
N MET A 143 -1.44 0.52 6.10
CA MET A 143 -1.51 0.52 7.58
C MET A 143 -2.38 1.66 8.15
N LEU A 144 -2.68 1.55 9.44
CA LEU A 144 -3.39 2.60 10.20
C LEU A 144 -2.43 3.28 11.16
N ASP A 145 -2.41 4.62 11.15
CA ASP A 145 -1.59 5.35 12.16
C ASP A 145 -2.33 5.38 13.49
N LYS A 146 -1.72 6.03 14.49
CA LYS A 146 -2.25 6.05 15.85
C LYS A 146 -3.67 6.61 15.93
N ASP A 147 -4.06 7.46 15.00
CA ASP A 147 -5.42 8.06 15.05
C ASP A 147 -6.44 7.27 14.18
N GLY A 148 -5.96 6.33 13.38
CA GLY A 148 -6.85 5.62 12.54
C GLY A 148 -6.85 5.97 11.07
N HIS A 149 -5.88 6.76 10.64
CA HIS A 149 -5.83 7.16 9.20
C HIS A 149 -4.90 6.15 8.47
N ILE A 150 -5.21 5.96 7.19
CA ILE A 150 -4.40 5.19 6.31
C ILE A 150 -2.98 5.72 6.17
N LYS A 151 -2.03 4.76 6.14
CA LYS A 151 -0.74 5.01 5.61
C LYS A 151 -0.41 3.97 4.57
N ILE A 152 -0.08 4.41 3.38
CA ILE A 152 0.54 3.50 2.38
C ILE A 152 2.05 3.29 2.65
N THR A 153 2.48 2.02 2.63
CA THR A 153 3.87 1.62 2.88
C THR A 153 4.44 0.90 1.67
N ASP A 154 5.78 0.87 1.53
CA ASP A 154 6.41 -0.03 0.59
C ASP A 154 6.30 0.48 -0.87
N PHE A 155 7.30 1.27 -1.28
CA PHE A 155 7.22 1.99 -2.57
C PHE A 155 8.19 1.41 -3.61
N GLY A 156 8.72 0.21 -3.36
CA GLY A 156 9.69 -0.40 -4.27
C GLY A 156 9.29 -0.75 -5.69
N LEU A 157 7.99 -0.97 -5.89
CA LEU A 157 7.45 -1.29 -7.20
C LEU A 157 6.89 -0.10 -7.99
N CYS A 158 7.09 1.12 -7.47
CA CYS A 158 6.50 2.29 -8.13
C CYS A 158 7.15 2.45 -9.49
N LYS A 159 6.38 3.01 -10.39
CA LYS A 159 6.90 3.56 -11.64
C LYS A 159 6.89 5.08 -11.48
N GLU A 160 8.03 5.69 -11.75
CA GLU A 160 8.24 7.11 -11.74
C GLU A 160 8.22 7.64 -13.15
N GLY A 161 8.08 8.97 -13.28
CA GLY A 161 8.12 9.65 -14.59
C GLY A 161 6.96 9.31 -15.47
N ILE A 162 5.81 9.01 -14.88
CA ILE A 162 4.62 8.59 -15.66
C ILE A 162 3.56 9.72 -15.71
N LYS A 163 3.41 10.36 -16.85
CA LYS A 163 2.75 11.71 -16.89
C LYS A 163 1.47 11.42 -17.60
N ASP A 164 0.34 11.78 -17.00
CA ASP A 164 -0.93 11.49 -17.69
C ASP A 164 -0.98 10.00 -18.07
N GLY A 165 -1.49 9.71 -19.28
CA GLY A 165 -1.66 8.34 -19.84
C GLY A 165 -0.46 7.56 -20.32
N ALA A 166 0.73 8.08 -20.12
CA ALA A 166 1.93 7.36 -20.58
C ALA A 166 1.95 5.86 -20.06
N THR A 167 2.61 4.94 -20.80
CA THR A 167 2.52 3.48 -20.49
C THR A 167 3.80 2.80 -19.95
N MET A 168 3.69 1.61 -19.41
CA MET A 168 4.83 0.91 -18.80
C MET A 168 4.74 -0.58 -19.10
N LYS A 169 5.76 -1.34 -18.77
CA LYS A 169 5.82 -2.72 -19.32
C LYS A 169 6.18 -3.77 -18.26
N PHE A 171 6.35 -6.48 -15.64
CA PHE A 171 5.50 -7.51 -15.03
C PHE A 171 5.86 -7.50 -13.52
N CYS A 172 5.01 -6.85 -12.69
CA CYS A 172 5.28 -6.80 -11.28
C CYS A 172 4.00 -6.44 -10.52
N GLY A 173 4.03 -6.62 -9.18
CA GLY A 173 2.82 -6.32 -8.37
C GLY A 173 2.66 -7.46 -7.41
N THR A 174 1.44 -7.92 -7.21
CA THR A 174 1.22 -9.08 -6.32
C THR A 174 0.21 -9.85 -7.10
N PRO A 175 0.43 -11.15 -7.29
CA PRO A 175 -0.38 -11.89 -8.22
C PRO A 175 -1.92 -11.76 -7.96
N GLU A 176 -2.32 -11.83 -6.69
CA GLU A 176 -3.75 -11.81 -6.38
C GLU A 176 -4.44 -10.45 -6.80
N TYR A 177 -3.62 -9.43 -7.02
CA TYR A 177 -4.12 -8.03 -7.31
C TYR A 177 -3.82 -7.57 -8.71
N LEU A 178 -3.22 -8.42 -9.54
CA LEU A 178 -2.76 -7.97 -10.91
C LEU A 178 -3.89 -7.62 -11.80
N ALA A 179 -3.78 -6.48 -12.52
CA ALA A 179 -4.84 -6.06 -13.41
C ALA A 179 -4.82 -6.86 -14.72
N PRO A 180 -5.99 -7.08 -15.35
CA PRO A 180 -6.02 -7.89 -16.53
C PRO A 180 -5.05 -7.38 -17.62
N GLU A 181 -4.87 -6.02 -17.77
CA GLU A 181 -4.04 -5.58 -18.92
C GLU A 181 -2.57 -5.95 -18.72
N VAL A 182 -2.19 -6.00 -17.43
CA VAL A 182 -0.89 -6.49 -17.03
C VAL A 182 -0.76 -8.00 -17.37
N LEU A 183 -1.76 -8.77 -17.02
CA LEU A 183 -1.72 -10.24 -17.32
C LEU A 183 -1.78 -10.50 -18.87
N GLU A 184 -2.39 -9.55 -19.61
CA GLU A 184 -2.44 -9.61 -21.11
C GLU A 184 -1.08 -9.39 -21.76
N ASP A 185 -0.06 -9.01 -20.98
CA ASP A 185 1.29 -8.64 -21.46
C ASP A 185 1.18 -7.38 -22.40
N ASN A 186 0.16 -6.55 -22.11
CA ASN A 186 0.02 -5.25 -22.80
C ASN A 186 0.77 -4.12 -22.08
N ASP A 187 1.22 -3.10 -22.83
CA ASP A 187 1.68 -1.87 -22.19
C ASP A 187 0.44 -1.31 -21.44
N TYR A 188 0.67 -0.71 -20.28
CA TYR A 188 -0.46 -0.29 -19.39
C TYR A 188 -0.10 1.03 -18.74
N GLY A 189 -1.14 1.76 -18.35
CA GLY A 189 -1.01 3.07 -17.70
C GLY A 189 -1.46 3.05 -16.23
N ARG A 190 -1.61 4.25 -15.65
CA ARG A 190 -1.75 4.42 -14.19
C ARG A 190 -3.12 3.87 -13.73
N ALA A 191 -4.03 3.55 -14.67
CA ALA A 191 -5.33 2.99 -14.27
C ALA A 191 -5.17 1.63 -13.59
N VAL A 192 -4.03 0.96 -13.73
CA VAL A 192 -3.82 -0.28 -12.96
C VAL A 192 -4.05 0.03 -11.48
N ASP A 193 -3.64 1.24 -11.00
CA ASP A 193 -3.89 1.63 -9.56
C ASP A 193 -5.35 1.56 -9.17
N TRP A 194 -6.25 1.79 -10.14
CA TRP A 194 -7.68 1.79 -9.78
C TRP A 194 -8.26 0.37 -9.78
N TRP A 195 -7.67 -0.49 -10.60
CA TRP A 195 -7.94 -1.95 -10.44
C TRP A 195 -7.58 -2.38 -8.99
N GLY A 196 -6.36 -2.08 -8.55
CA GLY A 196 -5.88 -2.46 -7.18
C GLY A 196 -6.89 -1.91 -6.17
N LEU A 197 -7.29 -0.65 -6.36
CA LEU A 197 -8.26 -0.07 -5.37
C LEU A 197 -9.51 -0.90 -5.39
N GLY A 198 -9.98 -1.29 -6.59
CA GLY A 198 -11.18 -2.09 -6.65
C GLY A 198 -10.99 -3.40 -5.89
N VAL A 199 -9.86 -4.05 -6.07
CA VAL A 199 -9.68 -5.37 -5.35
C VAL A 199 -9.69 -5.10 -3.83
N VAL A 200 -8.92 -4.09 -3.39
CA VAL A 200 -8.92 -3.75 -1.93
C VAL A 200 -10.36 -3.42 -1.37
N MET A 201 -11.08 -2.56 -2.10
N MET A 201 -11.11 -2.60 -2.10
CA MET A 201 -12.48 -2.21 -1.72
CA MET A 201 -12.49 -2.23 -1.67
C MET A 201 -13.37 -3.46 -1.67
C MET A 201 -13.47 -3.44 -1.74
N TYR A 202 -13.22 -4.33 -2.68
CA TYR A 202 -13.91 -5.59 -2.73
C TYR A 202 -13.62 -6.48 -1.49
N GLU A 203 -12.38 -6.67 -1.16
CA GLU A 203 -11.98 -7.43 0.09
C GLU A 203 -12.63 -6.81 1.31
N MET A 204 -12.54 -5.48 1.43
CA MET A 204 -13.12 -4.77 2.62
C MET A 204 -14.59 -4.99 2.77
N MET A 205 -15.31 -4.92 1.65
CA MET A 205 -16.76 -4.95 1.77
C MET A 205 -17.33 -6.34 1.61
N CYS A 206 -16.55 -7.23 1.00
CA CYS A 206 -17.08 -8.57 0.72
C CYS A 206 -16.37 -9.66 1.52
N GLY A 207 -15.20 -9.38 2.04
CA GLY A 207 -14.55 -10.34 2.95
C GLY A 207 -13.75 -11.39 2.18
N ARG A 208 -13.58 -11.22 0.86
CA ARG A 208 -12.74 -12.22 0.12
C ARG A 208 -12.19 -11.48 -1.12
N LEU A 209 -11.17 -12.06 -1.75
CA LEU A 209 -10.68 -11.51 -3.02
C LEU A 209 -11.69 -11.71 -4.11
N PRO A 210 -11.77 -10.79 -5.09
CA PRO A 210 -12.78 -11.09 -6.11
C PRO A 210 -12.45 -12.21 -7.07
N PHE A 211 -11.17 -12.52 -7.24
CA PHE A 211 -10.70 -13.74 -8.01
C PHE A 211 -9.80 -14.49 -7.08
N TYR A 212 -10.11 -15.77 -6.88
CA TYR A 212 -9.29 -16.49 -5.97
C TYR A 212 -8.98 -17.94 -6.39
N ASN A 213 -7.70 -18.26 -6.45
CA ASN A 213 -7.16 -19.65 -6.48
C ASN A 213 -5.80 -19.61 -5.84
N GLN A 214 -5.48 -20.59 -4.96
CA GLN A 214 -4.12 -20.60 -4.41
C GLN A 214 -3.03 -20.57 -5.45
N ASP A 215 -3.31 -21.15 -6.59
CA ASP A 215 -2.29 -21.31 -7.63
C ASP A 215 -2.37 -20.06 -8.55
N HIS A 216 -1.28 -19.27 -8.52
CA HIS A 216 -1.23 -18.01 -9.32
C HIS A 216 -1.69 -18.13 -10.75
N GLU A 217 -1.27 -19.18 -11.43
CA GLU A 217 -1.75 -19.29 -12.83
C GLU A 217 -3.20 -19.55 -13.01
N LYS A 218 -3.82 -20.33 -12.11
CA LYS A 218 -5.31 -20.53 -12.24
C LYS A 218 -6.08 -19.19 -11.90
N LEU A 219 -5.51 -18.48 -10.95
CA LEU A 219 -6.00 -17.20 -10.48
C LEU A 219 -5.97 -16.21 -11.69
N PHE A 220 -4.88 -16.25 -12.48
CA PHE A 220 -4.73 -15.36 -13.68
C PHE A 220 -5.86 -15.63 -14.67
N GLU A 221 -6.23 -16.91 -14.85
CA GLU A 221 -7.35 -17.28 -15.78
C GLU A 221 -8.70 -16.66 -15.31
N LEU A 222 -8.96 -16.71 -14.00
CA LEU A 222 -10.21 -16.06 -13.47
C LEU A 222 -10.19 -14.58 -13.72
N ILE A 223 -9.10 -13.94 -13.36
CA ILE A 223 -8.96 -12.48 -13.60
C ILE A 223 -9.29 -12.06 -15.05
N LEU A 224 -8.70 -12.77 -16.00
CA LEU A 224 -8.96 -12.46 -17.41
C LEU A 224 -10.33 -12.89 -17.89
N MET A 225 -10.88 -13.97 -17.36
N MET A 225 -10.88 -13.94 -17.29
CA MET A 225 -12.14 -14.48 -17.95
CA MET A 225 -12.07 -14.62 -17.88
C MET A 225 -13.47 -14.10 -17.25
C MET A 225 -13.45 -14.52 -17.21
N GLU A 226 -13.49 -14.17 -15.93
CA GLU A 226 -14.76 -14.22 -15.17
C GLU A 226 -15.18 -12.87 -14.70
N GLU A 227 -16.47 -12.62 -14.62
CA GLU A 227 -16.97 -11.38 -14.03
C GLU A 227 -17.00 -11.58 -12.51
N ILE A 228 -16.90 -10.48 -11.76
CA ILE A 228 -16.86 -10.59 -10.31
C ILE A 228 -18.29 -10.96 -9.86
N ARG A 229 -18.41 -11.61 -8.71
CA ARG A 229 -19.74 -11.92 -8.13
C ARG A 229 -20.03 -10.81 -7.17
N PHE A 230 -21.29 -10.53 -6.92
CA PHE A 230 -21.63 -9.47 -6.00
C PHE A 230 -22.51 -10.12 -4.92
N PRO A 231 -22.04 -10.27 -3.69
CA PRO A 231 -22.87 -10.71 -2.53
C PRO A 231 -24.10 -9.78 -2.40
N ARG A 232 -25.24 -10.40 -2.07
CA ARG A 232 -26.52 -9.71 -2.01
C ARG A 232 -26.64 -8.65 -0.95
N THR A 233 -25.66 -8.56 -0.07
CA THR A 233 -25.67 -7.55 0.98
C THR A 233 -25.08 -6.20 0.45
N LEU A 234 -24.35 -6.24 -0.68
CA LEU A 234 -23.78 -4.99 -1.21
C LEU A 234 -24.86 -4.02 -1.70
N GLY A 235 -24.78 -2.78 -1.22
CA GLY A 235 -25.69 -1.75 -1.72
C GLY A 235 -25.46 -1.37 -3.22
N PRO A 236 -26.40 -0.66 -3.79
CA PRO A 236 -26.30 -0.44 -5.25
C PRO A 236 -25.08 0.49 -5.60
N GLU A 237 -24.72 1.46 -4.74
CA GLU A 237 -23.58 2.39 -5.03
C GLU A 237 -22.27 1.65 -4.91
N ALA A 238 -22.17 0.79 -3.88
CA ALA A 238 -21.03 -0.16 -3.72
C ALA A 238 -20.84 -1.10 -4.91
N LYS A 239 -21.90 -1.80 -5.32
CA LYS A 239 -21.87 -2.58 -6.53
C LYS A 239 -21.42 -1.79 -7.72
N SER A 240 -21.99 -0.56 -7.93
CA SER A 240 -21.60 0.21 -9.15
C SER A 240 -20.10 0.57 -9.02
N LEU A 241 -19.65 0.97 -7.81
CA LEU A 241 -18.25 1.32 -7.69
C LEU A 241 -17.34 0.11 -8.00
N LEU A 242 -17.66 -1.04 -7.42
CA LEU A 242 -16.81 -2.24 -7.64
C LEU A 242 -16.83 -2.65 -9.09
N SER A 243 -18.02 -2.63 -9.69
CA SER A 243 -18.16 -2.89 -11.10
C SER A 243 -17.26 -1.97 -11.94
N GLY A 244 -17.28 -0.68 -11.63
CA GLY A 244 -16.50 0.28 -12.39
C GLY A 244 -14.99 0.13 -12.20
N LEU A 245 -14.53 -0.10 -11.00
CA LEU A 245 -13.13 -0.13 -10.75
C LEU A 245 -12.54 -1.49 -11.26
N LEU A 246 -13.42 -2.49 -11.31
CA LEU A 246 -12.95 -3.84 -11.82
C LEU A 246 -13.36 -4.17 -13.26
N LYS A 247 -13.64 -3.13 -14.09
CA LYS A 247 -13.67 -3.29 -15.52
C LYS A 247 -12.29 -3.81 -16.00
N LYS A 248 -12.32 -4.80 -16.89
CA LYS A 248 -11.09 -5.48 -17.29
C LYS A 248 -10.34 -4.67 -18.34
N ASP A 249 -11.09 -4.00 -19.22
CA ASP A 249 -10.44 -2.98 -20.10
C ASP A 249 -10.19 -1.69 -19.34
N PRO A 250 -8.92 -1.32 -19.16
CA PRO A 250 -8.63 -0.11 -18.41
C PRO A 250 -9.19 1.20 -19.03
N LYS A 251 -9.46 1.19 -20.35
CA LYS A 251 -10.13 2.35 -21.06
C LYS A 251 -11.57 2.53 -20.61
N GLN A 252 -12.19 1.48 -20.09
CA GLN A 252 -13.55 1.54 -19.60
C GLN A 252 -13.66 1.60 -18.09
N ARG A 253 -12.52 1.39 -17.43
CA ARG A 253 -12.45 1.42 -15.96
C ARG A 253 -12.78 2.84 -15.40
N LEU A 254 -13.48 2.88 -14.25
CA LEU A 254 -13.61 4.11 -13.46
C LEU A 254 -12.22 4.60 -13.06
N GLY A 255 -11.91 5.85 -13.42
CA GLY A 255 -10.57 6.40 -13.24
C GLY A 255 -9.65 6.22 -14.48
N GLY A 256 -10.15 5.58 -15.51
CA GLY A 256 -9.29 5.09 -16.64
C GLY A 256 -9.09 6.17 -17.74
N GLY A 257 -9.80 7.28 -17.59
CA GLY A 257 -9.67 8.42 -18.56
C GLY A 257 -8.74 9.51 -18.09
N SER A 258 -8.80 10.65 -18.82
CA SER A 258 -7.92 11.75 -18.52
C SER A 258 -8.14 12.31 -17.08
N GLU A 259 -9.35 12.22 -16.55
CA GLU A 259 -9.70 12.80 -15.24
C GLU A 259 -9.13 11.89 -14.08
N ASP A 260 -8.70 10.67 -14.42
CA ASP A 260 -7.98 9.85 -13.41
C ASP A 260 -8.78 9.76 -12.11
N ALA A 261 -8.24 10.12 -10.97
CA ALA A 261 -8.95 9.95 -9.70
C ALA A 261 -10.20 10.79 -9.61
N LYS A 262 -10.31 11.87 -10.40
CA LYS A 262 -11.47 12.76 -10.22
C LYS A 262 -12.71 12.05 -10.65
N GLU A 263 -12.61 11.13 -11.59
CA GLU A 263 -13.76 10.32 -11.97
C GLU A 263 -14.28 9.39 -10.79
N ILE A 264 -13.36 8.80 -10.03
CA ILE A 264 -13.77 8.04 -8.83
C ILE A 264 -14.35 8.92 -7.72
N MET A 265 -13.68 10.05 -7.47
CA MET A 265 -14.17 10.99 -6.46
C MET A 265 -15.62 11.44 -6.71
N GLN A 266 -16.05 11.59 -7.98
CA GLN A 266 -17.42 11.97 -8.33
C GLN A 266 -18.43 10.87 -8.22
N HIS A 267 -18.00 9.60 -8.03
CA HIS A 267 -18.91 8.45 -8.06
C HIS A 267 -19.87 8.54 -6.85
N ARG A 268 -21.14 8.15 -7.05
CA ARG A 268 -22.22 8.29 -6.03
C ARG A 268 -21.91 7.48 -4.73
N PHE A 269 -21.01 6.49 -4.82
CA PHE A 269 -20.65 5.73 -3.59
C PHE A 269 -19.94 6.69 -2.61
N PHE A 270 -19.23 7.70 -3.13
CA PHE A 270 -18.49 8.70 -2.37
C PHE A 270 -19.30 10.06 -2.22
N ALA A 271 -20.60 10.03 -2.45
CA ALA A 271 -21.44 11.29 -2.40
C ALA A 271 -21.37 11.95 -1.05
N GLY A 272 -21.25 11.14 -0.01
CA GLY A 272 -21.06 11.72 1.33
C GLY A 272 -19.75 12.49 1.66
N ILE A 273 -18.72 12.30 0.85
CA ILE A 273 -17.43 12.64 1.19
C ILE A 273 -17.04 14.02 0.66
N VAL A 274 -16.43 14.79 1.55
CA VAL A 274 -15.84 16.06 1.18
C VAL A 274 -14.39 15.88 1.05
N TRP A 275 -13.86 15.89 -0.20
CA TRP A 275 -12.49 15.44 -0.45
C TRP A 275 -11.47 16.35 0.17
N GLN A 276 -11.73 17.64 0.22
CA GLN A 276 -10.84 18.53 0.87
C GLN A 276 -10.79 18.22 2.38
N HIS A 277 -11.88 17.88 3.01
CA HIS A 277 -11.77 17.46 4.41
C HIS A 277 -11.10 16.09 4.64
N VAL A 278 -11.19 15.17 3.68
CA VAL A 278 -10.37 13.89 3.71
C VAL A 278 -8.90 14.28 3.79
N TYR A 279 -8.46 15.15 2.90
CA TYR A 279 -7.08 15.55 2.87
C TYR A 279 -6.61 16.24 4.18
N GLU A 280 -7.44 17.17 4.67
CA GLU A 280 -7.19 17.97 5.88
C GLU A 280 -7.34 17.14 7.16
N LYS A 281 -7.62 15.83 7.01
CA LYS A 281 -7.91 14.91 8.11
C LYS A 281 -9.00 15.43 9.07
N LYS A 282 -10.07 16.00 8.52
CA LYS A 282 -11.14 16.54 9.37
C LYS A 282 -12.26 15.53 9.57
N LEU A 283 -12.10 14.35 9.04
CA LEU A 283 -13.19 13.35 9.10
C LEU A 283 -12.83 12.30 10.16
N SER A 284 -13.80 11.91 10.98
CA SER A 284 -13.51 11.10 12.19
C SER A 284 -13.20 9.67 11.79
N PRO A 285 -12.01 9.19 12.09
CA PRO A 285 -11.83 7.77 11.67
C PRO A 285 -12.82 6.81 12.32
N PRO A 286 -13.20 5.78 11.58
CA PRO A 286 -14.17 4.87 12.13
C PRO A 286 -13.55 3.97 13.25
N PHE A 287 -12.22 3.87 13.27
CA PHE A 287 -11.58 3.00 14.24
C PHE A 287 -10.33 3.65 14.75
N LYS A 288 -10.23 3.86 16.09
CA LYS A 288 -8.95 4.37 16.64
C LYS A 288 -8.24 3.23 17.31
N PRO A 289 -6.99 2.97 16.87
CA PRO A 289 -6.15 1.95 17.49
C PRO A 289 -6.13 2.11 19.05
N GLN A 290 -6.53 1.07 19.78
CA GLN A 290 -6.47 1.21 21.27
C GLN A 290 -5.12 0.73 21.77
N VAL A 291 -4.12 1.59 21.74
CA VAL A 291 -2.79 1.26 22.28
C VAL A 291 -2.56 2.01 23.59
N THR A 292 -1.90 1.33 24.51
CA THR A 292 -1.53 1.88 25.80
C THR A 292 -0.28 2.80 25.75
N SER A 293 0.66 2.53 24.82
CA SER A 293 2.03 3.05 24.98
C SER A 293 2.82 3.64 23.85
N GLU A 294 2.73 3.19 22.61
CA GLU A 294 3.81 3.60 21.66
C GLU A 294 4.75 2.44 21.35
N THR A 295 5.07 1.62 22.36
CA THR A 295 5.74 0.34 22.16
C THR A 295 4.72 -0.78 22.21
N ASP A 296 3.45 -0.39 22.33
CA ASP A 296 2.37 -1.37 22.31
C ASP A 296 2.08 -1.86 20.88
N THR A 297 2.60 -3.04 20.55
CA THR A 297 2.42 -3.63 19.20
C THR A 297 1.30 -4.66 19.15
N ARG A 298 0.21 -4.38 19.86
CA ARG A 298 -0.95 -5.29 19.80
C ARG A 298 -1.51 -5.52 18.38
N TYR A 299 -1.25 -4.58 17.45
CA TYR A 299 -1.78 -4.72 16.10
C TYR A 299 -0.75 -5.24 15.12
N PHE A 300 0.24 -5.95 15.62
CA PHE A 300 1.22 -6.64 14.79
C PHE A 300 1.23 -8.14 15.15
N ASP A 301 1.48 -8.97 14.15
CA ASP A 301 1.48 -10.41 14.31
C ASP A 301 2.51 -10.90 15.33
N GLU A 302 2.05 -11.78 16.21
CA GLU A 302 2.97 -12.40 17.17
C GLU A 302 4.18 -13.16 16.61
N GLU A 303 4.09 -13.82 15.44
CA GLU A 303 5.30 -14.46 14.90
C GLU A 303 6.47 -13.50 14.88
N PHE A 304 6.18 -12.21 14.65
CA PHE A 304 7.24 -11.19 14.58
C PHE A 304 7.61 -10.57 15.90
N THR A 305 6.64 -10.04 16.64
CA THR A 305 6.92 -9.25 17.82
C THR A 305 7.50 -10.05 19.03
N ALA A 306 7.11 -11.31 19.14
CA ALA A 306 7.70 -12.29 20.08
C ALA A 306 9.20 -12.52 19.81
N GLN A 307 9.56 -12.68 18.51
CA GLN A 307 10.96 -12.93 18.05
C GLN A 307 12.09 -12.10 18.67
N ARG A 328 28.00 -6.18 -1.88
CA ARG A 328 28.09 -5.09 -0.87
C ARG A 328 28.63 -3.71 -1.29
N PRO A 329 28.12 -3.14 -2.39
CA PRO A 329 28.61 -1.84 -2.78
C PRO A 329 28.13 -0.65 -1.92
N HIS A 330 28.77 0.49 -2.15
CA HIS A 330 28.28 1.79 -1.72
C HIS A 330 27.09 2.19 -2.60
N PHE A 331 26.03 2.68 -1.96
CA PHE A 331 24.93 3.21 -2.73
C PHE A 331 25.03 4.73 -2.87
N PRO A 332 25.49 5.21 -4.05
CA PRO A 332 25.76 6.64 -4.27
C PRO A 332 24.58 7.49 -3.90
N GLN A 333 24.80 8.45 -3.01
CA GLN A 333 23.77 9.40 -2.59
C GLN A 333 22.42 8.82 -2.07
N PHE A 334 22.49 7.62 -1.49
CA PHE A 334 21.38 7.00 -0.80
C PHE A 334 20.88 7.82 0.40
N ASP A 335 21.85 8.30 1.18
CA ASP A 335 21.62 8.90 2.48
C ASP A 335 20.75 10.16 2.45
N TYR A 336 19.89 10.33 3.45
CA TYR A 336 18.92 11.39 3.41
C TYR A 336 18.43 11.74 4.79
N SER A 337 18.14 13.03 5.04
CA SER A 337 17.43 13.45 6.24
C SER A 337 16.41 14.50 5.90
N ALA A 338 15.22 14.36 6.47
CA ALA A 338 14.08 15.25 6.19
C ALA A 338 14.18 16.62 6.89
N GLY B 1 -10.23 -15.46 6.37
CA GLY B 1 -8.90 -14.80 6.22
C GLY B 1 -7.95 -15.58 5.33
N ARG B 2 -7.50 -14.91 4.25
CA ARG B 2 -6.55 -15.47 3.31
C ARG B 2 -5.09 -15.44 3.77
N PRO B 3 -4.21 -16.32 3.19
CA PRO B 3 -2.81 -16.20 3.55
C PRO B 3 -2.20 -14.87 3.07
N ARG B 4 -1.11 -14.43 3.74
CA ARG B 4 -0.32 -13.30 3.30
C ARG B 4 0.21 -13.52 1.86
N THR B 5 0.12 -12.48 1.06
CA THR B 5 0.64 -12.57 -0.31
C THR B 5 2.08 -12.09 -0.40
N THR B 6 2.69 -12.21 -1.60
CA THR B 6 4.09 -11.83 -1.77
C THR B 6 4.22 -10.97 -3.03
N SER B 7 4.87 -9.82 -2.90
CA SER B 7 5.04 -8.91 -4.07
C SER B 7 6.18 -9.50 -4.90
N PHE B 8 6.29 -9.12 -6.19
CA PHE B 8 7.30 -9.71 -7.07
C PHE B 8 7.51 -8.74 -8.23
N ALA B 9 8.57 -8.97 -8.98
CA ALA B 9 8.83 -8.26 -10.24
C ALA B 9 9.59 -9.27 -11.12
N GLU B 10 9.24 -9.38 -12.39
CA GLU B 10 10.02 -10.15 -13.34
C GLU B 10 10.86 -9.24 -14.18
#